data_5NHY
#
_entry.id   5NHY
#
_cell.length_a   59.528
_cell.length_b   66.709
_cell.length_c   82.075
_cell.angle_alpha   90.00
_cell.angle_beta   90.00
_cell.angle_gamma   90.00
#
_symmetry.space_group_name_H-M   'P 21 21 21'
#
loop_
_entity.id
_entity.type
_entity.pdbx_description
1 polymer '7,8-dihydro-8-oxoguanine triphosphatase'
2 non-polymer ~{N}-ethyl-4-[(3~{S})-3-methylmorpholin-4-yl]-1~{H}-pyrrolo[2,3-b]pyridine-2-carboxamide
3 non-polymer 'SULFATE ION'
4 non-polymer GLYCEROL
5 water water
#
_entity_poly.entity_id   1
_entity_poly.type   'polypeptide(L)'
_entity_poly.pdbx_seq_one_letter_code
;GSHMGASRLYTLVLVLQPQRVLLGMKKRGFGAGRWNGFGGKVQEGETIEDGARRELQEESGLTVDALHKVGQIVFEFVGE
PELMDVHVFCTDSIQGTPVESDEMRPCWFQLDQIPFKDMWPDDSYWFPLLLQKKKFHGYFKFQGQDTILDYTLREVDTV
;
_entity_poly.pdbx_strand_id   A,B
#
loop_
_chem_comp.id
_chem_comp.type
_chem_comp.name
_chem_comp.formula
8XT non-polymer ~{N}-ethyl-4-[(3~{S})-3-methylmorpholin-4-yl]-1~{H}-pyrrolo[2,3-b]pyridine-2-carboxamide 'C15 H20 N4 O2'
GOL non-polymer GLYCEROL 'C3 H8 O3'
SO4 non-polymer 'SULFATE ION' 'O4 S -2'
#
# COMPACT_ATOMS: atom_id res chain seq x y z
N ALA A 6 2.03 7.03 19.44
CA ALA A 6 0.80 7.73 19.93
C ALA A 6 -0.39 7.36 19.05
N SER A 7 -1.00 6.22 19.31
CA SER A 7 -2.21 5.83 18.58
C SER A 7 -3.33 5.46 19.52
N ARG A 8 -4.51 5.42 18.93
CA ARG A 8 -5.74 5.17 19.65
C ARG A 8 -6.46 4.08 18.86
N LEU A 9 -6.91 3.04 19.57
CA LEU A 9 -7.69 1.96 18.96
C LEU A 9 -9.13 2.36 18.59
N TYR A 10 -9.52 2.03 17.36
CA TYR A 10 -10.86 2.20 16.82
C TYR A 10 -11.28 0.90 16.18
N THR A 11 -12.59 0.78 15.92
CA THR A 11 -13.15 -0.37 15.22
C THR A 11 -13.94 0.12 14.08
N LEU A 12 -14.15 -0.77 13.12
CA LEU A 12 -15.04 -0.54 12.02
C LEU A 12 -15.61 -1.86 11.55
N VAL A 13 -16.94 -1.96 11.40
CA VAL A 13 -17.62 -3.22 11.08
C VAL A 13 -18.41 -3.02 9.78
N LEU A 14 -18.17 -3.93 8.86
CA LEU A 14 -18.89 -3.95 7.59
C LEU A 14 -19.76 -5.19 7.56
N VAL A 15 -21.04 -4.97 7.48
CA VAL A 15 -22.00 -6.07 7.43
C VAL A 15 -22.15 -6.35 5.96
N LEU A 16 -21.53 -7.44 5.53
CA LEU A 16 -21.42 -7.78 4.12
C LEU A 16 -22.10 -9.08 3.89
N GLN A 17 -23.26 -9.00 3.22
CA GLN A 17 -23.99 -10.13 2.76
C GLN A 17 -23.65 -10.38 1.27
N PRO A 18 -24.02 -11.55 0.75
CA PRO A 18 -23.57 -11.92 -0.60
C PRO A 18 -23.83 -10.91 -1.72
N GLN A 19 -24.92 -10.13 -1.67
CA GLN A 19 -25.16 -9.11 -2.71
C GLN A 19 -25.40 -7.71 -2.23
N ARG A 20 -25.14 -7.45 -0.96
CA ARG A 20 -25.32 -6.11 -0.47
C ARG A 20 -24.49 -5.87 0.79
N VAL A 21 -24.30 -4.60 1.09
CA VAL A 21 -23.53 -4.19 2.25
C VAL A 21 -24.32 -3.10 2.98
N LEU A 22 -24.29 -3.14 4.30
CA LEU A 22 -24.99 -2.16 5.16
C LEU A 22 -24.02 -1.05 5.50
N LEU A 23 -24.39 0.18 5.20
CA LEU A 23 -23.61 1.32 5.59
C LEU A 23 -24.50 2.28 6.31
N GLY A 24 -23.90 3.16 7.09
CA GLY A 24 -24.66 4.14 7.88
C GLY A 24 -24.21 5.52 7.48
N MET A 25 -25.15 6.38 7.22
CA MET A 25 -24.89 7.78 6.94
C MET A 25 -24.60 8.38 8.33
N LYS A 26 -23.36 8.86 8.51
CA LYS A 26 -22.93 9.49 9.75
C LYS A 26 -23.57 10.87 9.90
N LYS A 27 -24.33 11.02 11.00
CA LYS A 27 -25.17 12.16 11.18
C LYS A 27 -24.53 13.28 11.97
N ARG A 28 -23.46 12.98 12.71
CA ARG A 28 -22.76 14.00 13.50
C ARG A 28 -21.31 13.60 13.79
N GLY A 29 -20.51 14.57 14.26
CA GLY A 29 -19.08 14.38 14.52
C GLY A 29 -18.25 14.35 13.23
N PHE A 30 -17.05 13.79 13.33
CA PHE A 30 -16.02 13.90 12.29
C PHE A 30 -16.34 12.90 11.20
N GLY A 31 -16.48 13.37 9.97
CA GLY A 31 -16.89 12.52 8.87
C GLY A 31 -18.41 12.40 8.68
N ALA A 32 -19.19 13.17 9.47
CA ALA A 32 -20.63 13.33 9.22
C ALA A 32 -20.87 13.67 7.75
N GLY A 33 -21.87 13.04 7.15
CA GLY A 33 -22.24 13.30 5.77
C GLY A 33 -21.74 12.24 4.80
N ARG A 34 -21.00 11.25 5.29
CA ARG A 34 -20.47 10.15 4.51
C ARG A 34 -21.05 8.85 5.05
N TRP A 35 -21.13 7.85 4.16
CA TRP A 35 -21.61 6.52 4.49
C TRP A 35 -20.42 5.80 5.06
N ASN A 36 -20.55 5.30 6.27
CA ASN A 36 -19.48 4.54 6.92
C ASN A 36 -19.95 3.18 7.37
N GLY A 37 -18.98 2.35 7.73
CA GLY A 37 -19.24 1.15 8.52
C GLY A 37 -19.48 1.59 9.96
N PHE A 38 -19.78 0.64 10.86
CA PHE A 38 -20.15 0.99 12.20
C PHE A 38 -18.97 0.74 13.12
N GLY A 39 -18.74 1.62 14.04
CA GLY A 39 -17.56 1.53 14.90
C GLY A 39 -17.37 2.73 15.77
N GLY A 40 -16.26 2.73 16.48
CA GLY A 40 -15.84 3.87 17.21
C GLY A 40 -14.63 3.50 18.03
N LYS A 41 -14.38 4.34 19.02
CA LYS A 41 -13.24 4.18 19.92
C LYS A 41 -13.40 2.93 20.77
N VAL A 42 -12.30 2.21 21.00
CA VAL A 42 -12.32 1.06 21.90
C VAL A 42 -12.12 1.62 23.32
N GLN A 43 -12.88 1.13 24.28
CA GLN A 43 -12.93 1.68 25.61
C GLN A 43 -12.08 0.84 26.54
N GLU A 44 -11.70 1.46 27.63
CA GLU A 44 -11.00 0.74 28.71
C GLU A 44 -11.96 -0.38 29.15
N GLY A 45 -11.45 -1.60 29.33
CA GLY A 45 -12.25 -2.72 29.87
C GLY A 45 -12.99 -3.56 28.85
N GLU A 46 -12.77 -3.32 27.59
CA GLU A 46 -13.31 -4.21 26.55
C GLU A 46 -12.26 -4.58 25.51
N THR A 47 -12.38 -5.79 24.95
CA THR A 47 -11.48 -6.17 23.87
C THR A 47 -11.87 -5.38 22.63
N ILE A 48 -10.99 -5.40 21.64
CA ILE A 48 -11.26 -4.77 20.34
C ILE A 48 -12.53 -5.38 19.75
N GLU A 49 -12.69 -6.70 19.75
CA GLU A 49 -13.88 -7.31 19.14
C GLU A 49 -15.15 -6.92 19.93
N ASP A 50 -15.06 -6.92 21.26
CA ASP A 50 -16.13 -6.44 22.12
C ASP A 50 -16.59 -5.03 21.75
N GLY A 51 -15.63 -4.14 21.62
CA GLY A 51 -15.88 -2.76 21.24
C GLY A 51 -16.53 -2.65 19.85
N ALA A 52 -16.14 -3.52 18.92
CA ALA A 52 -16.74 -3.54 17.59
C ALA A 52 -18.23 -3.94 17.72
N ARG A 53 -18.46 -5.01 18.45
CA ARG A 53 -19.83 -5.45 18.71
C ARG A 53 -20.69 -4.38 19.41
N ARG A 54 -20.11 -3.72 20.42
CA ARG A 54 -20.83 -2.70 21.17
CA ARG A 54 -20.80 -2.69 21.18
C ARG A 54 -21.24 -1.57 20.24
N GLU A 55 -20.33 -1.10 19.41
CA GLU A 55 -20.62 0.03 18.54
C GLU A 55 -21.64 -0.31 17.43
N LEU A 56 -21.55 -1.51 16.88
CA LEU A 56 -22.49 -1.98 15.91
C LEU A 56 -23.88 -1.95 16.56
N GLN A 57 -23.96 -2.38 17.82
CA GLN A 57 -25.29 -2.41 18.52
C GLN A 57 -25.81 -1.02 18.85
N GLU A 58 -24.91 -0.17 19.36
CA GLU A 58 -25.26 1.24 19.65
C GLU A 58 -25.74 1.99 18.38
N GLU A 59 -25.05 1.75 17.27
CA GLU A 59 -25.27 2.54 16.04
C GLU A 59 -26.35 2.01 15.07
N SER A 60 -26.67 0.71 15.14
CA SER A 60 -27.64 0.08 14.24
C SER A 60 -28.65 -0.84 14.90
N GLY A 61 -28.50 -1.15 16.20
CA GLY A 61 -29.35 -2.10 16.86
C GLY A 61 -28.96 -3.54 16.67
N LEU A 62 -28.05 -3.85 15.77
CA LEU A 62 -27.77 -5.22 15.42
C LEU A 62 -26.78 -5.87 16.37
N THR A 63 -27.00 -7.17 16.53
CA THR A 63 -26.03 -8.05 17.12
C THR A 63 -25.61 -9.02 16.04
N VAL A 64 -24.55 -9.77 16.33
CA VAL A 64 -24.01 -10.75 15.41
C VAL A 64 -23.53 -12.00 16.12
N ASP A 65 -23.51 -13.09 15.36
CA ASP A 65 -22.97 -14.33 15.85
C ASP A 65 -21.47 -14.22 15.93
N ALA A 66 -20.89 -13.70 14.85
CA ALA A 66 -19.42 -13.63 14.80
C ALA A 66 -18.97 -12.43 14.01
N LEU A 67 -17.77 -11.97 14.32
CA LEU A 67 -17.05 -10.99 13.54
C LEU A 67 -15.76 -11.64 13.09
N HIS A 68 -15.30 -11.20 11.93
CA HIS A 68 -14.04 -11.70 11.36
C HIS A 68 -13.16 -10.51 11.10
N LYS A 69 -11.91 -10.59 11.58
CA LYS A 69 -10.94 -9.55 11.39
C LYS A 69 -10.54 -9.63 9.93
N VAL A 70 -10.66 -8.54 9.23
CA VAL A 70 -10.19 -8.51 7.83
C VAL A 70 -9.16 -7.48 7.53
N GLY A 71 -9.03 -6.46 8.36
CA GLY A 71 -8.06 -5.42 8.09
C GLY A 71 -7.64 -4.56 9.25
N GLN A 72 -6.53 -3.86 9.02
CA GLN A 72 -6.04 -2.83 9.91
C GLN A 72 -5.66 -1.60 9.06
N ILE A 73 -6.17 -0.46 9.46
CA ILE A 73 -5.82 0.78 8.81
C ILE A 73 -5.38 1.81 9.79
N VAL A 74 -4.24 2.43 9.54
CA VAL A 74 -3.76 3.51 10.37
C VAL A 74 -4.04 4.78 9.63
N PHE A 75 -4.76 5.70 10.27
CA PHE A 75 -4.95 7.05 9.76
C PHE A 75 -4.15 8.07 10.49
N GLU A 76 -3.42 8.91 9.75
CA GLU A 76 -2.79 10.12 10.28
C GLU A 76 -3.56 11.32 9.73
N PHE A 77 -3.98 12.22 10.62
CA PHE A 77 -4.47 13.54 10.25
C PHE A 77 -3.44 14.61 10.54
N VAL A 78 -3.11 15.41 9.53
CA VAL A 78 -2.09 16.45 9.73
C VAL A 78 -2.51 17.30 10.94
N GLY A 79 -1.57 17.52 11.84
CA GLY A 79 -1.78 18.37 12.99
C GLY A 79 -2.39 17.69 14.20
N GLU A 80 -2.89 16.46 14.06
CA GLU A 80 -3.48 15.71 15.17
C GLU A 80 -2.48 14.76 15.83
N PRO A 81 -2.30 14.84 17.16
CA PRO A 81 -1.21 14.03 17.74
C PRO A 81 -1.43 12.54 17.73
N GLU A 82 -2.68 12.09 17.81
CA GLU A 82 -2.94 10.65 17.83
C GLU A 82 -3.22 10.12 16.45
N LEU A 83 -2.52 9.06 16.07
CA LEU A 83 -2.92 8.22 14.95
C LEU A 83 -4.15 7.40 15.31
N MET A 84 -4.96 7.10 14.28
CA MET A 84 -6.10 6.23 14.47
C MET A 84 -5.71 4.82 14.07
N ASP A 85 -5.73 3.89 15.01
CA ASP A 85 -5.43 2.51 14.68
C ASP A 85 -6.74 1.74 14.52
N VAL A 86 -7.21 1.60 13.28
CA VAL A 86 -8.57 1.08 13.02
C VAL A 86 -8.52 -0.41 12.72
N HIS A 87 -9.23 -1.19 13.53
CA HIS A 87 -9.34 -2.61 13.32
C HIS A 87 -10.64 -2.90 12.63
N VAL A 88 -10.52 -3.44 11.40
CA VAL A 88 -11.67 -3.62 10.51
C VAL A 88 -12.17 -5.04 10.52
N PHE A 89 -13.50 -5.19 10.73
CA PHE A 89 -14.13 -6.50 10.81
C PHE A 89 -15.24 -6.60 9.77
N CYS A 90 -15.51 -7.85 9.37
CA CYS A 90 -16.61 -8.20 8.50
CA CYS A 90 -16.65 -8.18 8.51
CA CYS A 90 -16.64 -8.20 8.51
C CYS A 90 -17.57 -9.15 9.20
N THR A 91 -18.85 -9.13 8.81
CA THR A 91 -19.77 -10.12 9.29
C THR A 91 -20.89 -10.35 8.29
N ASP A 92 -21.42 -11.56 8.31
CA ASP A 92 -22.60 -11.93 7.58
C ASP A 92 -23.45 -12.78 8.49
N SER A 93 -23.54 -12.45 9.76
CA SER A 93 -24.46 -13.20 10.65
C SER A 93 -25.21 -12.24 11.55
N ILE A 94 -25.88 -11.25 10.93
CA ILE A 94 -26.56 -10.24 11.72
C ILE A 94 -27.80 -10.87 12.33
N GLN A 95 -28.18 -10.34 13.48
CA GLN A 95 -29.33 -10.77 14.22
C GLN A 95 -30.02 -9.44 14.44
N GLY A 96 -31.25 -9.36 13.97
CA GLY A 96 -32.04 -8.15 14.05
C GLY A 96 -32.24 -7.45 12.72
N THR A 97 -32.86 -6.30 12.82
CA THR A 97 -33.12 -5.43 11.69
CA THR A 97 -33.12 -5.44 11.69
C THR A 97 -32.45 -4.12 12.03
N PRO A 98 -31.65 -3.56 11.09
CA PRO A 98 -31.01 -2.30 11.44
C PRO A 98 -32.00 -1.19 11.67
N VAL A 99 -31.71 -0.32 12.62
CA VAL A 99 -32.50 0.88 12.91
C VAL A 99 -31.57 2.04 13.02
N GLU A 100 -32.09 3.21 12.73
CA GLU A 100 -31.41 4.47 12.90
C GLU A 100 -31.12 4.75 14.39
N SER A 101 -29.93 5.31 14.64
CA SER A 101 -29.51 5.75 15.95
C SER A 101 -29.29 7.22 15.85
N ASP A 102 -28.99 7.87 16.97
CA ASP A 102 -28.60 9.28 16.94
C ASP A 102 -27.37 9.53 16.03
N GLU A 103 -26.51 8.54 15.88
CA GLU A 103 -25.23 8.73 15.16
C GLU A 103 -25.26 8.26 13.70
N MET A 104 -26.07 7.25 13.40
CA MET A 104 -26.02 6.59 12.08
C MET A 104 -27.41 6.34 11.48
N ARG A 105 -27.56 6.58 10.17
CA ARG A 105 -28.74 6.17 9.44
C ARG A 105 -28.38 4.99 8.52
N PRO A 106 -28.74 3.77 8.91
CA PRO A 106 -28.35 2.60 8.13
C PRO A 106 -29.15 2.42 6.85
N CYS A 107 -28.46 2.01 5.78
CA CYS A 107 -29.12 1.67 4.51
CA CYS A 107 -29.13 1.65 4.51
C CYS A 107 -28.34 0.55 3.81
N TRP A 108 -29.05 -0.33 3.10
CA TRP A 108 -28.39 -1.38 2.33
C TRP A 108 -28.03 -0.88 0.94
N PHE A 109 -26.84 -1.29 0.47
CA PHE A 109 -26.36 -0.99 -0.87
C PHE A 109 -25.99 -2.27 -1.60
N GLN A 110 -26.49 -2.42 -2.82
CA GLN A 110 -25.99 -3.44 -3.71
C GLN A 110 -24.51 -3.23 -3.99
N LEU A 111 -23.80 -4.32 -4.17
CA LEU A 111 -22.33 -4.27 -4.26
C LEU A 111 -21.83 -3.58 -5.55
N ASP A 112 -22.67 -3.46 -6.58
CA ASP A 112 -22.35 -2.63 -7.75
C ASP A 112 -22.88 -1.18 -7.63
N GLN A 113 -23.39 -0.79 -6.46
CA GLN A 113 -23.91 0.56 -6.25
C GLN A 113 -23.40 1.15 -4.93
N ILE A 114 -22.15 0.84 -4.62
CA ILE A 114 -21.50 1.42 -3.44
C ILE A 114 -21.34 2.93 -3.64
N PRO A 115 -21.74 3.75 -2.66
CA PRO A 115 -21.79 5.20 -2.85
C PRO A 115 -20.43 5.88 -2.62
N PHE A 116 -19.42 5.48 -3.40
CA PHE A 116 -18.03 5.93 -3.20
C PHE A 116 -17.87 7.42 -3.22
N LYS A 117 -18.67 8.14 -4.02
CA LYS A 117 -18.51 9.60 -4.04
C LYS A 117 -18.98 10.29 -2.74
N ASP A 118 -19.78 9.60 -1.94
CA ASP A 118 -20.17 10.08 -0.61
C ASP A 118 -19.53 9.26 0.50
N MET A 119 -18.31 8.79 0.25
CA MET A 119 -17.55 8.02 1.22
C MET A 119 -16.18 8.64 1.37
N TRP A 120 -15.49 8.29 2.44
CA TRP A 120 -14.08 8.69 2.59
C TRP A 120 -13.27 8.27 1.37
N PRO A 121 -12.35 9.13 0.88
CA PRO A 121 -11.66 8.78 -0.37
C PRO A 121 -10.83 7.52 -0.35
N ASP A 122 -10.27 7.21 0.80
CA ASP A 122 -9.46 5.99 0.97
C ASP A 122 -10.26 4.73 0.76
N ASP A 123 -11.59 4.81 0.95
CA ASP A 123 -12.44 3.64 0.74
C ASP A 123 -12.36 3.05 -0.64
N SER A 124 -12.14 3.90 -1.63
CA SER A 124 -11.97 3.50 -3.03
C SER A 124 -10.77 2.58 -3.21
N TYR A 125 -9.81 2.63 -2.26
CA TYR A 125 -8.62 1.78 -2.32
C TYR A 125 -8.80 0.49 -1.58
N TRP A 126 -9.25 0.53 -0.32
CA TRP A 126 -9.24 -0.68 0.49
C TRP A 126 -10.55 -1.47 0.49
N PHE A 127 -11.69 -0.77 0.32
CA PHE A 127 -12.99 -1.44 0.45
C PHE A 127 -13.13 -2.51 -0.62
N PRO A 128 -12.64 -2.23 -1.84
CA PRO A 128 -12.71 -3.33 -2.78
C PRO A 128 -11.95 -4.58 -2.32
N LEU A 129 -10.85 -4.44 -1.58
CA LEU A 129 -10.12 -5.62 -1.11
C LEU A 129 -10.97 -6.45 -0.13
N LEU A 130 -11.73 -5.73 0.68
CA LEU A 130 -12.61 -6.32 1.63
C LEU A 130 -13.69 -7.06 0.86
N LEU A 131 -14.24 -6.43 -0.20
CA LEU A 131 -15.24 -7.09 -1.01
C LEU A 131 -14.75 -8.30 -1.73
N GLN A 132 -13.46 -8.33 -2.04
CA GLN A 132 -12.82 -9.47 -2.68
C GLN A 132 -12.34 -10.52 -1.67
N LYS A 133 -12.71 -10.34 -0.40
CA LYS A 133 -12.37 -11.26 0.69
C LYS A 133 -10.86 -11.42 0.91
N LYS A 134 -10.16 -10.32 0.71
CA LYS A 134 -8.73 -10.25 0.99
C LYS A 134 -8.58 -9.52 2.32
N LYS A 135 -7.51 -9.88 3.02
CA LYS A 135 -7.11 -9.23 4.26
C LYS A 135 -6.03 -8.26 3.95
N PHE A 136 -6.05 -7.11 4.63
CA PHE A 136 -5.21 -6.00 4.26
C PHE A 136 -4.66 -5.16 5.40
N HIS A 137 -3.55 -4.47 5.11
CA HIS A 137 -2.98 -3.49 6.04
C HIS A 137 -2.87 -2.18 5.25
N GLY A 138 -3.35 -1.11 5.82
CA GLY A 138 -3.38 0.19 5.15
C GLY A 138 -2.88 1.32 6.01
N TYR A 139 -2.33 2.35 5.37
CA TYR A 139 -1.91 3.57 6.07
C TYR A 139 -2.29 4.70 5.16
N PHE A 140 -3.01 5.70 5.67
CA PHE A 140 -3.41 6.89 4.93
C PHE A 140 -3.15 8.11 5.77
N LYS A 141 -2.42 9.05 5.18
CA LYS A 141 -2.19 10.35 5.76
C LYS A 141 -3.08 11.33 5.03
N PHE A 142 -3.93 11.98 5.83
CA PHE A 142 -4.83 12.98 5.40
C PHE A 142 -4.48 14.37 5.83
N GLN A 143 -4.77 15.31 4.93
CA GLN A 143 -4.90 16.70 5.28
C GLN A 143 -6.39 17.02 5.23
N GLY A 144 -6.98 17.31 6.39
CA GLY A 144 -8.42 17.48 6.47
C GLY A 144 -9.11 16.17 6.16
N GLN A 145 -10.31 16.24 5.60
CA GLN A 145 -11.11 15.03 5.33
C GLN A 145 -11.19 14.62 3.88
N ASP A 146 -10.59 15.43 3.00
CA ASP A 146 -10.68 15.24 1.55
C ASP A 146 -9.40 14.86 0.82
N THR A 147 -8.24 15.04 1.45
CA THR A 147 -6.98 14.99 0.74
C THR A 147 -6.10 13.94 1.35
N ILE A 148 -5.79 12.92 0.55
CA ILE A 148 -4.84 11.90 0.93
C ILE A 148 -3.50 12.39 0.44
N LEU A 149 -2.59 12.61 1.37
CA LEU A 149 -1.22 13.05 1.04
C LEU A 149 -0.31 11.89 0.71
N ASP A 150 -0.46 10.82 1.49
CA ASP A 150 0.36 9.64 1.37
C ASP A 150 -0.46 8.43 1.73
N TYR A 151 -0.12 7.30 1.14
CA TYR A 151 -0.72 6.07 1.58
C TYR A 151 0.15 4.83 1.28
N THR A 152 -0.08 3.79 2.08
CA THR A 152 0.43 2.47 1.73
C THR A 152 -0.68 1.46 1.93
N LEU A 153 -0.69 0.45 1.08
CA LEU A 153 -1.74 -0.57 1.08
C LEU A 153 -1.24 -1.87 0.49
N ARG A 154 -1.41 -2.93 1.27
CA ARG A 154 -1.06 -4.28 0.83
C ARG A 154 -1.98 -5.31 1.43
N GLU A 155 -2.00 -6.47 0.81
CA GLU A 155 -2.70 -7.63 1.35
C GLU A 155 -1.77 -8.36 2.32
N VAL A 156 -2.39 -9.08 3.25
CA VAL A 156 -1.66 -9.82 4.26
C VAL A 156 -2.33 -11.15 4.49
N ASP A 157 -1.60 -12.06 5.12
CA ASP A 157 -2.16 -13.33 5.50
C ASP A 157 -2.76 -13.34 6.89
N THR A 158 -2.20 -12.53 7.80
CA THR A 158 -2.70 -12.42 9.17
C THR A 158 -2.89 -10.96 9.41
N VAL A 159 -4.07 -10.57 9.90
CA VAL A 159 -4.30 -9.16 10.21
C VAL A 159 -3.62 -8.66 11.49
N ALA B 6 4.40 13.86 -18.20
CA ALA B 6 5.56 13.67 -19.11
C ALA B 6 6.64 12.89 -18.38
N SER B 7 6.92 11.69 -18.87
CA SER B 7 7.86 10.78 -18.26
C SER B 7 8.83 10.14 -19.24
N ARG B 8 9.80 9.47 -18.67
CA ARG B 8 10.83 8.75 -19.35
C ARG B 8 10.93 7.37 -18.74
N LEU B 9 11.09 6.36 -19.59
CA LEU B 9 11.25 4.98 -19.15
C LEU B 9 12.65 4.66 -18.66
N TYR B 10 12.68 3.97 -17.52
CA TYR B 10 13.87 3.37 -16.95
C TYR B 10 13.60 1.97 -16.43
N THR B 11 14.69 1.23 -16.25
CA THR B 11 14.69 -0.12 -15.71
C THR B 11 15.49 -0.20 -14.45
N LEU B 12 15.15 -1.19 -13.63
CA LEU B 12 15.89 -1.45 -12.44
C LEU B 12 15.79 -2.94 -12.22
N VAL B 13 16.93 -3.60 -12.07
CA VAL B 13 16.98 -5.06 -11.97
C VAL B 13 17.55 -5.49 -10.65
N LEU B 14 16.79 -6.28 -9.90
CA LEU B 14 17.27 -6.80 -8.62
C LEU B 14 17.50 -8.28 -8.77
N VAL B 15 18.80 -8.71 -8.68
CA VAL B 15 19.10 -10.12 -8.69
C VAL B 15 18.97 -10.60 -7.23
N LEU B 16 17.97 -11.43 -6.98
CA LEU B 16 17.58 -11.79 -5.64
C LEU B 16 17.72 -13.28 -5.37
N GLN B 19 18.59 -16.35 -0.45
CA GLN B 19 19.14 -15.81 0.79
C GLN B 19 20.04 -14.58 0.55
N ARG B 20 20.09 -14.04 -0.67
CA ARG B 20 20.97 -12.89 -0.93
C ARG B 20 20.59 -12.04 -2.16
N VAL B 21 21.04 -10.78 -2.18
CA VAL B 21 20.75 -9.85 -3.32
C VAL B 21 22.00 -9.18 -3.85
N LEU B 22 22.09 -9.05 -5.20
CA LEU B 22 23.23 -8.40 -5.81
C LEU B 22 22.86 -6.91 -6.01
N LEU B 23 23.73 -6.01 -5.48
CA LEU B 23 23.60 -4.58 -5.70
C LEU B 23 24.84 -4.07 -6.43
N GLY B 24 24.71 -2.89 -7.04
CA GLY B 24 25.85 -2.26 -7.68
C GLY B 24 26.09 -0.90 -7.09
N MET B 25 27.34 -0.63 -6.75
CA MET B 25 27.72 0.67 -6.27
C MET B 25 27.81 1.55 -7.52
N LYS B 26 26.90 2.53 -7.65
CA LYS B 26 26.94 3.41 -8.82
C LYS B 26 28.16 4.34 -8.72
N LYS B 27 28.99 4.33 -9.77
CA LYS B 27 30.33 4.94 -9.71
C LYS B 27 30.39 6.42 -10.16
N ARG B 28 29.47 6.84 -11.03
CA ARG B 28 29.32 8.24 -11.46
C ARG B 28 27.87 8.55 -11.86
N GLY B 29 27.58 9.85 -11.96
CA GLY B 29 26.26 10.34 -12.40
C GLY B 29 25.30 10.54 -11.23
N PHE B 30 24.04 10.78 -11.57
CA PHE B 30 22.98 11.10 -10.62
C PHE B 30 22.62 9.87 -9.77
N GLY B 31 22.95 9.95 -8.50
CA GLY B 31 22.85 8.82 -7.56
C GLY B 31 24.16 8.10 -7.26
N ALA B 32 25.31 8.60 -7.73
CA ALA B 32 26.59 7.91 -7.46
C ALA B 32 26.89 7.86 -5.97
N GLY B 33 27.48 6.74 -5.53
CA GLY B 33 27.79 6.49 -4.13
C GLY B 33 26.73 5.67 -3.40
N ARG B 34 25.59 5.40 -4.03
CA ARG B 34 24.58 4.53 -3.45
C ARG B 34 24.56 3.19 -4.14
N TRP B 35 24.19 2.16 -3.38
CA TRP B 35 24.00 0.85 -3.94
C TRP B 35 22.65 0.86 -4.65
N ASN B 36 22.67 0.48 -5.93
CA ASN B 36 21.51 0.49 -6.83
C ASN B 36 21.35 -0.89 -7.43
N GLY B 37 20.16 -1.20 -7.88
CA GLY B 37 19.96 -2.32 -8.76
C GLY B 37 20.55 -1.86 -10.12
N PHE B 38 20.59 -2.80 -11.04
CA PHE B 38 21.21 -2.56 -12.39
C PHE B 38 20.11 -2.11 -13.34
N GLY B 39 20.46 -1.26 -14.30
CA GLY B 39 19.44 -0.68 -15.20
C GLY B 39 19.82 0.70 -15.66
N GLY B 40 18.86 1.41 -16.24
CA GLY B 40 19.10 2.75 -16.77
C GLY B 40 18.04 3.05 -17.81
N LYS B 41 18.29 4.04 -18.64
CA LYS B 41 17.34 4.49 -19.69
C LYS B 41 16.97 3.39 -20.68
N VAL B 42 15.73 3.41 -21.16
CA VAL B 42 15.30 2.44 -22.15
C VAL B 42 15.42 3.19 -23.48
N GLN B 43 15.90 2.48 -24.47
CA GLN B 43 16.23 3.09 -25.76
C GLN B 43 15.08 2.95 -26.78
N GLU B 44 15.07 3.86 -27.75
CA GLU B 44 14.23 3.70 -28.95
C GLU B 44 14.63 2.38 -29.60
N GLY B 45 13.68 1.50 -29.87
CA GLY B 45 13.95 0.27 -30.59
C GLY B 45 14.24 -0.95 -29.78
N GLU B 46 14.10 -0.85 -28.44
CA GLU B 46 14.16 -2.02 -27.60
C GLU B 46 12.96 -1.96 -26.65
N THR B 47 12.49 -3.11 -26.31
CA THR B 47 11.46 -3.27 -25.28
C THR B 47 12.04 -2.95 -23.90
N ILE B 48 11.18 -2.64 -22.95
CA ILE B 48 11.64 -2.38 -21.57
C ILE B 48 12.47 -3.53 -20.99
N GLU B 49 12.02 -4.77 -21.16
CA GLU B 49 12.76 -5.89 -20.67
C GLU B 49 14.12 -6.04 -21.42
N ASP B 50 14.10 -5.83 -22.74
CA ASP B 50 15.34 -5.85 -23.54
C ASP B 50 16.32 -4.87 -22.88
N GLY B 51 15.81 -3.69 -22.54
CA GLY B 51 16.61 -2.61 -21.95
C GLY B 51 17.19 -3.02 -20.60
N ALA B 52 16.35 -3.67 -19.78
CA ALA B 52 16.80 -4.16 -18.50
C ALA B 52 17.92 -5.16 -18.67
N ARG B 53 17.70 -6.18 -19.50
CA ARG B 53 18.74 -7.17 -19.79
C ARG B 53 20.01 -6.54 -20.36
N ARG B 54 19.88 -5.51 -21.19
CA ARG B 54 21.08 -4.87 -21.81
C ARG B 54 21.92 -4.11 -20.77
N GLU B 55 21.22 -3.40 -19.88
CA GLU B 55 21.86 -2.64 -18.83
C GLU B 55 22.46 -3.57 -17.76
N LEU B 56 21.84 -4.74 -17.53
CA LEU B 56 22.41 -5.76 -16.62
C LEU B 56 23.72 -6.29 -17.22
N GLN B 57 23.79 -6.47 -18.54
CA GLN B 57 25.09 -6.85 -19.19
C GLN B 57 26.11 -5.74 -19.07
N GLU B 58 25.72 -4.54 -19.48
CA GLU B 58 26.64 -3.39 -19.48
C GLU B 58 27.30 -3.22 -18.10
N GLU B 59 26.51 -3.35 -17.04
CA GLU B 59 26.90 -2.98 -15.69
C GLU B 59 27.50 -4.15 -14.85
N SER B 60 27.11 -5.41 -15.13
CA SER B 60 27.59 -6.57 -14.36
C SER B 60 28.15 -7.74 -15.19
N GLY B 61 28.10 -7.65 -16.52
CA GLY B 61 28.41 -8.79 -17.37
C GLY B 61 27.49 -10.01 -17.32
N LEU B 62 26.39 -9.99 -16.54
CA LEU B 62 25.50 -11.16 -16.42
C LEU B 62 24.39 -11.20 -17.48
N THR B 63 23.97 -12.40 -17.87
CA THR B 63 22.68 -12.63 -18.54
C THR B 63 21.80 -13.54 -17.68
N VAL B 64 20.53 -13.60 -18.02
CA VAL B 64 19.55 -14.35 -17.23
C VAL B 64 18.66 -15.19 -18.14
N ASP B 65 18.16 -16.30 -17.61
CA ASP B 65 17.18 -17.11 -18.32
C ASP B 65 15.88 -16.33 -18.50
N ALA B 66 15.42 -15.70 -17.42
CA ALA B 66 14.20 -14.91 -17.46
C ALA B 66 14.28 -13.75 -16.49
N LEU B 67 13.46 -12.74 -16.76
CA LEU B 67 13.28 -11.63 -15.86
C LEU B 67 11.81 -11.62 -15.49
N HIS B 68 11.53 -11.19 -14.27
CA HIS B 68 10.16 -11.17 -13.76
C HIS B 68 9.88 -9.73 -13.42
N LYS B 69 8.83 -9.19 -14.02
CA LYS B 69 8.42 -7.82 -13.74
C LYS B 69 7.73 -7.82 -12.37
N VAL B 70 8.21 -7.01 -11.44
CA VAL B 70 7.64 -6.98 -10.06
C VAL B 70 7.17 -5.64 -9.54
N GLY B 71 7.55 -4.56 -10.20
CA GLY B 71 6.96 -3.31 -9.86
C GLY B 71 7.15 -2.21 -10.85
N GLN B 72 6.46 -1.14 -10.59
CA GLN B 72 6.63 0.11 -11.24
C GLN B 72 6.68 1.20 -10.21
N ILE B 73 7.65 2.09 -10.35
CA ILE B 73 7.78 3.24 -9.51
C ILE B 73 7.99 4.46 -10.34
N VAL B 74 7.23 5.49 -10.00
CA VAL B 74 7.35 6.79 -10.63
C VAL B 74 8.04 7.68 -9.64
N PHE B 75 9.10 8.37 -10.06
CA PHE B 75 9.80 9.36 -9.22
C PHE B 75 9.61 10.74 -9.83
N GLU B 76 9.35 11.72 -8.99
CA GLU B 76 9.18 13.08 -9.39
C GLU B 76 10.12 13.88 -8.54
N PHE B 77 10.94 14.71 -9.17
CA PHE B 77 11.87 15.58 -8.48
C PHE B 77 11.42 17.02 -8.64
N VAL B 78 11.39 17.77 -7.53
CA VAL B 78 11.07 19.21 -7.57
C VAL B 78 12.00 19.86 -8.57
N GLY B 79 11.45 20.67 -9.47
CA GLY B 79 12.22 21.40 -10.48
C GLY B 79 12.75 20.59 -11.66
N GLU B 80 12.27 19.35 -11.84
CA GLU B 80 12.48 18.55 -13.05
C GLU B 80 11.11 18.26 -13.64
N PRO B 81 10.79 18.81 -14.83
CA PRO B 81 9.49 18.49 -15.47
C PRO B 81 9.31 17.00 -15.82
N GLU B 82 10.39 16.32 -16.18
CA GLU B 82 10.35 14.90 -16.57
C GLU B 82 10.27 13.96 -15.35
N LEU B 83 9.20 13.16 -15.29
CA LEU B 83 9.12 12.10 -14.28
C LEU B 83 9.96 10.92 -14.71
N MET B 84 10.39 10.10 -13.76
CA MET B 84 11.02 8.82 -14.11
C MET B 84 10.01 7.71 -13.90
N ASP B 85 9.76 6.95 -14.96
CA ASP B 85 8.88 5.81 -14.97
C ASP B 85 9.75 4.57 -14.92
N VAL B 86 9.96 4.05 -13.72
CA VAL B 86 10.91 2.98 -13.52
C VAL B 86 10.22 1.65 -13.42
N HIS B 87 10.61 0.74 -14.30
CA HIS B 87 10.08 -0.60 -14.36
C HIS B 87 11.06 -1.53 -13.63
N VAL B 88 10.52 -2.18 -12.60
CA VAL B 88 11.38 -2.97 -11.71
C VAL B 88 11.28 -4.46 -12.00
N PHE B 89 12.44 -5.12 -12.08
CA PHE B 89 12.50 -6.52 -12.43
C PHE B 89 13.23 -7.34 -11.40
N CYS B 90 12.82 -8.61 -11.29
CA CYS B 90 13.53 -9.61 -10.49
C CYS B 90 13.98 -10.80 -11.30
N THR B 91 15.12 -11.34 -10.89
CA THR B 91 15.59 -12.61 -11.40
C THR B 91 16.30 -13.46 -10.35
N ASP B 92 16.08 -14.78 -10.45
CA ASP B 92 16.67 -15.78 -9.56
C ASP B 92 17.78 -16.49 -10.30
N SER B 93 17.43 -17.04 -11.47
CA SER B 93 18.42 -17.63 -12.34
C SER B 93 19.25 -16.52 -13.00
N ILE B 94 20.58 -16.61 -12.85
CA ILE B 94 21.56 -15.82 -13.63
C ILE B 94 22.56 -16.77 -14.29
N GLN B 95 22.83 -16.51 -15.55
CA GLN B 95 23.85 -17.23 -16.31
C GLN B 95 25.18 -16.49 -16.13
N GLY B 96 26.13 -17.17 -15.49
CA GLY B 96 27.51 -16.66 -15.37
C GLY B 96 27.81 -16.06 -14.01
N THR B 97 29.05 -15.60 -13.87
CA THR B 97 29.58 -14.96 -12.66
C THR B 97 29.56 -13.43 -12.78
N PRO B 98 29.24 -12.68 -11.71
CA PRO B 98 29.21 -11.21 -11.85
C PRO B 98 30.61 -10.57 -11.83
N VAL B 99 30.85 -9.53 -12.65
CA VAL B 99 32.09 -8.72 -12.63
C VAL B 99 31.84 -7.20 -12.63
N GLU B 100 32.86 -6.43 -12.26
CA GLU B 100 32.80 -4.96 -12.22
C GLU B 100 32.76 -4.35 -13.60
N SER B 101 32.09 -3.22 -13.70
CA SER B 101 32.02 -2.45 -14.94
C SER B 101 32.49 -1.04 -14.68
N ASP B 102 32.51 -0.27 -15.77
CA ASP B 102 32.74 1.18 -15.77
C ASP B 102 31.75 1.89 -14.87
N GLU B 103 30.49 1.46 -14.90
CA GLU B 103 29.39 2.16 -14.22
C GLU B 103 29.09 1.67 -12.81
N MET B 104 29.12 0.35 -12.62
CA MET B 104 28.75 -0.27 -11.32
C MET B 104 29.80 -1.25 -10.83
N ARG B 105 29.86 -1.45 -9.52
CA ARG B 105 30.63 -2.55 -8.92
C ARG B 105 29.66 -3.46 -8.19
N PRO B 106 29.48 -4.73 -8.68
CA PRO B 106 28.52 -5.60 -8.05
C PRO B 106 29.03 -6.14 -6.75
N CYS B 107 28.09 -6.45 -5.86
CA CYS B 107 28.39 -7.11 -4.61
C CYS B 107 27.16 -7.84 -4.10
N TRP B 108 27.38 -9.07 -3.59
CA TRP B 108 26.30 -9.84 -2.97
C TRP B 108 26.07 -9.39 -1.49
N PHE B 109 24.80 -9.32 -1.06
CA PHE B 109 24.45 -9.05 0.37
C PHE B 109 23.39 -10.05 0.83
N GLN B 110 23.65 -10.73 1.94
CA GLN B 110 22.59 -11.50 2.57
C GLN B 110 21.52 -10.44 2.96
N LEU B 111 20.28 -10.98 2.98
CA LEU B 111 19.09 -10.15 3.15
C LEU B 111 18.96 -9.46 4.50
N ASP B 112 19.72 -9.89 5.52
CA ASP B 112 19.74 -9.13 6.79
C ASP B 112 20.76 -7.99 6.84
N GLN B 113 21.52 -7.83 5.77
CA GLN B 113 22.57 -6.81 5.71
C GLN B 113 22.40 -5.97 4.41
N ILE B 114 21.26 -5.28 4.25
CA ILE B 114 21.05 -4.38 3.11
C ILE B 114 21.44 -2.95 3.53
N PRO B 115 22.25 -2.25 2.69
CA PRO B 115 22.85 -0.98 3.11
C PRO B 115 21.99 0.29 2.98
N PHE B 116 20.83 0.33 3.66
CA PHE B 116 19.84 1.39 3.43
C PHE B 116 20.33 2.82 3.68
N LYS B 117 21.28 3.03 4.60
CA LYS B 117 21.78 4.40 4.87
C LYS B 117 22.58 4.94 3.67
N ASP B 118 23.09 4.01 2.84
CA ASP B 118 23.78 4.35 1.58
C ASP B 118 22.97 3.95 0.35
N MET B 119 21.63 3.99 0.49
CA MET B 119 20.68 3.71 -0.63
C MET B 119 19.69 4.84 -0.71
N TRP B 120 18.98 4.96 -1.82
CA TRP B 120 17.95 5.96 -1.89
C TRP B 120 16.95 5.71 -0.74
N PRO B 121 16.44 6.78 -0.16
CA PRO B 121 15.62 6.62 1.02
C PRO B 121 14.31 5.90 0.77
N ASP B 122 13.80 5.97 -0.46
CA ASP B 122 12.59 5.21 -0.79
C ASP B 122 12.79 3.70 -0.70
N ASP B 123 14.03 3.20 -0.84
CA ASP B 123 14.19 1.74 -0.94
C ASP B 123 13.65 1.01 0.33
N SER B 124 13.79 1.63 1.50
CA SER B 124 13.25 1.01 2.73
C SER B 124 11.73 0.87 2.71
N TYR B 125 11.05 1.65 1.86
CA TYR B 125 9.58 1.54 1.74
C TYR B 125 9.18 0.36 0.91
N TRP B 126 9.82 0.18 -0.26
CA TRP B 126 9.35 -0.83 -1.19
C TRP B 126 10.10 -2.13 -1.24
N PHE B 127 11.35 -2.13 -0.76
CA PHE B 127 12.07 -3.39 -0.65
C PHE B 127 11.38 -4.48 0.16
N PRO B 128 10.70 -4.15 1.26
CA PRO B 128 10.02 -5.27 1.93
C PRO B 128 9.01 -6.00 1.04
N LEU B 129 8.31 -5.28 0.17
CA LEU B 129 7.34 -5.91 -0.76
C LEU B 129 8.04 -6.80 -1.76
N LEU B 130 9.13 -6.29 -2.31
CA LEU B 130 9.98 -7.10 -3.16
C LEU B 130 10.40 -8.41 -2.48
N LEU B 131 10.94 -8.33 -1.25
CA LEU B 131 11.36 -9.52 -0.53
C LEU B 131 10.20 -10.48 -0.23
N GLN B 132 8.98 -9.96 -0.09
CA GLN B 132 7.79 -10.80 0.12
C GLN B 132 7.18 -11.39 -1.16
N LYS B 133 7.82 -11.15 -2.31
CA LYS B 133 7.35 -11.65 -3.61
C LYS B 133 6.00 -11.04 -3.99
N LYS B 134 5.77 -9.81 -3.54
CA LYS B 134 4.58 -9.05 -3.89
C LYS B 134 4.94 -8.08 -4.99
N LYS B 135 3.98 -7.86 -5.87
CA LYS B 135 4.10 -6.90 -6.97
C LYS B 135 3.60 -5.57 -6.50
N PHE B 136 4.17 -4.48 -7.02
CA PHE B 136 3.75 -3.16 -6.49
C PHE B 136 3.83 -2.01 -7.47
N HIS B 137 3.06 -0.99 -7.14
CA HIS B 137 3.12 0.30 -7.82
C HIS B 137 3.50 1.31 -6.74
N GLY B 138 4.42 2.20 -7.11
CA GLY B 138 4.86 3.23 -6.18
C GLY B 138 5.06 4.57 -6.86
N TYR B 139 4.99 5.60 -6.04
CA TYR B 139 5.22 6.96 -6.40
C TYR B 139 5.95 7.64 -5.26
N PHE B 140 7.00 8.39 -5.59
CA PHE B 140 7.78 9.16 -4.59
C PHE B 140 8.11 10.49 -5.17
N LYS B 141 7.71 11.54 -4.48
CA LYS B 141 8.09 12.89 -4.81
C LYS B 141 9.28 13.26 -3.94
N PHE B 142 10.36 13.65 -4.61
CA PHE B 142 11.62 13.98 -3.96
C PHE B 142 11.89 15.46 -4.05
N GLN B 143 12.47 16.00 -2.97
CA GLN B 143 13.13 17.29 -3.01
C GLN B 143 14.62 16.99 -2.86
N GLY B 144 15.38 17.06 -3.96
CA GLY B 144 16.78 16.67 -3.93
C GLY B 144 16.92 15.16 -3.84
N GLN B 145 18.08 14.69 -3.41
CA GLN B 145 18.38 13.26 -3.41
C GLN B 145 18.04 12.55 -2.11
N ASP B 146 17.77 13.30 -1.04
CA ASP B 146 17.56 12.69 0.29
C ASP B 146 16.18 12.88 0.95
N THR B 147 15.33 13.72 0.38
CA THR B 147 14.08 14.11 1.03
C THR B 147 12.85 13.64 0.24
N ILE B 148 12.07 12.73 0.83
CA ILE B 148 10.78 12.35 0.22
C ILE B 148 9.70 13.27 0.78
N LEU B 149 9.00 13.96 -0.10
CA LEU B 149 7.96 14.90 0.29
C LEU B 149 6.64 14.17 0.46
N ASP B 150 6.31 13.32 -0.50
CA ASP B 150 5.14 12.47 -0.38
C ASP B 150 5.31 11.21 -1.24
N TYR B 151 4.46 10.24 -0.99
CA TYR B 151 4.60 8.95 -1.61
C TYR B 151 3.33 8.13 -1.55
N THR B 152 3.24 7.15 -2.43
CA THR B 152 2.23 6.12 -2.41
C THR B 152 2.86 4.80 -2.74
N LEU B 153 2.33 3.74 -2.14
CA LEU B 153 2.83 2.41 -2.39
C LEU B 153 1.70 1.40 -2.20
N ARG B 154 1.41 0.63 -3.25
CA ARG B 154 0.28 -0.27 -3.24
C ARG B 154 0.67 -1.60 -3.84
N GLU B 155 0.37 -2.68 -3.15
CA GLU B 155 0.49 -4.00 -3.73
C GLU B 155 -0.50 -4.10 -4.86
N VAL B 156 -0.07 -4.72 -5.97
CA VAL B 156 -0.92 -4.88 -7.15
C VAL B 156 -0.95 -6.32 -7.58
N ASP B 157 -1.99 -6.67 -8.32
CA ASP B 157 -2.09 -7.98 -8.94
C ASP B 157 -1.52 -7.99 -10.35
N THR B 158 -1.51 -6.84 -11.01
CA THR B 158 -0.89 -6.72 -12.36
C THR B 158 0.01 -5.52 -12.33
N VAL B 159 1.29 -5.73 -12.63
CA VAL B 159 2.21 -4.60 -12.70
C VAL B 159 1.89 -3.78 -13.94
C1 8XT C . -16.23 1.33 3.73
C2 8XT C . -16.65 2.12 4.97
C3 8XT C . -15.67 3.76 6.58
C7 8XT C . -12.56 7.29 8.56
C8 8XT C . -13.58 6.68 10.72
C9 8XT C . -12.61 5.70 11.38
C10 8XT C . -14.43 7.36 11.80
C11 8XT C . -13.02 9.28 11.74
C12 8XT C . -12.20 8.65 10.60
C13 8XT C . -11.41 7.86 7.96
C14 8XT C . -11.02 7.43 6.71
C15 8XT C . -12.73 5.96 6.57
N1 8XT C . -15.66 3.10 5.41
O1 8XT C . -16.55 3.54 7.43
C4 8XT C . -14.59 4.68 6.88
C5 8XT C . -14.42 5.47 8.01
N4 8XT C . -13.53 5.01 6.05
C6 8XT C . -13.25 6.30 7.84
N2 8XT C . -12.99 7.69 9.81
N3 8XT C . -11.64 6.46 5.99
O2 8XT C . -13.60 8.27 12.56
S SO4 D . -11.04 -14.38 12.65
O1 SO4 D . -11.50 -15.41 13.62
O2 SO4 D . -11.72 -14.57 11.35
O3 SO4 D . -11.28 -13.02 13.19
O4 SO4 D . -9.58 -14.53 12.42
S SO4 E . 2.76 -3.67 8.20
O1 SO4 E . 4.01 -4.44 8.01
O2 SO4 E . 1.81 -3.97 7.09
O3 SO4 E . 3.05 -2.21 8.21
O4 SO4 E . 2.16 -4.06 9.49
S SO4 F . -34.21 -5.87 4.58
O1 SO4 F . -35.67 -6.05 4.67
O2 SO4 F . -33.53 -7.19 4.72
O3 SO4 F . -33.74 -4.94 5.64
O4 SO4 F . -33.91 -5.25 3.26
S SO4 G . -20.27 -14.76 9.58
O1 SO4 G . -21.54 -15.33 9.07
O2 SO4 G . -19.71 -15.68 10.60
O3 SO4 G . -20.47 -13.40 10.16
O4 SO4 G . -19.33 -14.65 8.43
S SO4 H . -33.26 8.61 16.34
O1 SO4 H . -32.39 7.83 17.28
O2 SO4 H . -34.45 7.80 15.98
O3 SO4 H . -32.50 8.97 15.13
O4 SO4 H . -33.69 9.87 17.01
S SO4 I . -32.96 -0.64 6.49
O1 SO4 I . -32.91 -2.09 6.18
O2 SO4 I . -32.37 -0.36 7.81
O3 SO4 I . -32.20 0.12 5.46
O4 SO4 I . -34.37 -0.20 6.51
C1 GOL J . 2.13 -9.98 7.62
O1 GOL J . 0.98 -9.82 8.48
C2 GOL J . 1.96 -11.16 6.65
O2 GOL J . 0.85 -11.99 7.00
C3 GOL J . 1.82 -10.65 5.22
O3 GOL J . 1.36 -11.65 4.31
C1 8XT K . 16.95 -1.32 -4.05
C2 8XT K . 17.64 -0.76 -5.29
C3 8XT K . 17.63 1.33 -6.61
C7 8XT K . 16.63 6.11 -8.04
C8 8XT K . 17.35 5.48 -10.32
C9 8XT K . 16.03 5.32 -11.11
C10 8XT K . 18.53 5.81 -11.27
C11 8XT K . 18.41 8.13 -10.70
C12 8XT K . 17.28 7.84 -9.68
C13 8XT K . 15.79 7.03 -7.39
C14 8XT K . 15.13 6.67 -6.22
C15 8XT K . 16.04 4.60 -6.29
N1 8XT K . 17.25 0.61 -5.55
O1 8XT K . 18.40 0.82 -7.42
C4 8XT K . 17.17 2.68 -6.75
C5 8XT K . 17.46 3.61 -7.75
N4 8XT K . 16.30 3.33 -5.89
C6 8XT K . 16.78 4.83 -7.49
N2 8XT K . 17.30 6.45 -9.20
N3 8XT K . 15.26 5.45 -5.66
O2 8XT K . 18.46 7.16 -11.74
S SO4 L . -4.43 -3.98 -9.53
O1 SO4 L . -3.58 -4.86 -10.37
O2 SO4 L . -4.17 -4.38 -8.11
O3 SO4 L . -4.16 -2.55 -9.78
O4 SO4 L . -5.86 -4.21 -9.86
C1 GOL M . -1.13 3.80 -8.18
O1 GOL M . -1.63 3.25 -6.96
C2 GOL M . -2.09 3.45 -9.30
O2 GOL M . -2.01 4.45 -10.32
C3 GOL M . -1.66 2.14 -9.89
O3 GOL M . -2.79 1.42 -10.42
C1 GOL N . 2.15 4.91 -9.11
O1 GOL N . 1.06 5.82 -9.25
C2 GOL N . 2.64 4.39 -10.46
O2 GOL N . 3.31 3.14 -10.23
C3 GOL N . 1.51 4.21 -11.49
O3 GOL N . 1.82 3.17 -12.43
#